data_9HSK
#
_entry.id   9HSK
#
_cell.length_a   50.122
_cell.length_b   67.883
_cell.length_c   117.119
_cell.angle_alpha   90.000
_cell.angle_beta   90.000
_cell.angle_gamma   90.000
#
_symmetry.space_group_name_H-M   'I 2 2 2'
#
loop_
_entity.id
_entity.type
_entity.pdbx_description
1 polymer 'choline-phosphate cytidylyltransferase'
2 non-polymer pyridin-2-ol
3 water water
#
_entity_poly.entity_id   1
_entity_poly.type   'polypeptide(L)'
_entity_poly.pdbx_seq_one_letter_code
;GHMAVPDDDDDDDNSNDESEYESSQMDSEKNKGSIKNSKNVVIYADGVYDMLHLGHMKQLEQAKKLFENTTLIVGVTSDN
ETKLFKGQVVQTLEERTETLKHIRWVDEIISPCPWVVTPEFLEKYKIDYVAHDDIPYANNQKEDIYAWLKRAGKFKATQR
TEGVSTTDLIVRILKNYED
;
_entity_poly.pdbx_strand_id   A
#
loop_
_chem_comp.id
_chem_comp.type
_chem_comp.name
_chem_comp.formula
T5Y non-polymer pyridin-2-ol 'C5 H5 N O'
#
# COMPACT_ATOMS: atom_id res chain seq x y z
N LYS A 39 12.05 -16.10 -12.26
CA LYS A 39 12.39 -14.69 -12.16
C LYS A 39 11.24 -13.89 -11.53
N ASN A 40 10.10 -14.54 -11.30
CA ASN A 40 8.94 -13.83 -10.74
C ASN A 40 9.19 -13.44 -9.28
N VAL A 41 9.19 -12.14 -9.02
CA VAL A 41 9.49 -11.59 -7.70
C VAL A 41 8.21 -11.13 -7.01
N VAL A 42 8.04 -11.50 -5.73
CA VAL A 42 6.85 -11.10 -4.98
C VAL A 42 7.13 -9.82 -4.20
N ILE A 43 6.27 -8.81 -4.42
CA ILE A 43 6.36 -7.50 -3.77
C ILE A 43 5.09 -7.27 -2.95
N TYR A 44 5.26 -6.65 -1.78
CA TYR A 44 4.14 -6.46 -0.85
C TYR A 44 4.07 -5.00 -0.44
N ALA A 45 2.92 -4.38 -0.65
CA ALA A 45 2.72 -2.97 -0.33
C ALA A 45 1.48 -2.86 0.55
N ASP A 46 1.69 -2.53 1.81
CA ASP A 46 0.58 -2.38 2.74
C ASP A 46 0.25 -0.90 2.92
N GLY A 47 -0.98 -0.64 3.32
CA GLY A 47 -1.41 0.72 3.56
C GLY A 47 -2.88 0.77 3.93
N VAL A 48 -3.29 1.91 4.46
CA VAL A 48 -4.71 2.13 4.71
C VAL A 48 -5.48 2.22 3.41
N TYR A 49 -4.92 2.88 2.40
CA TYR A 49 -5.58 3.03 1.09
C TYR A 49 -7.00 3.59 1.22
N ASP A 50 -7.17 4.55 2.14
CA ASP A 50 -8.42 5.29 2.24
C ASP A 50 -8.51 6.29 1.09
N MET A 51 -9.65 6.32 0.42
CA MET A 51 -9.92 7.30 -0.63
C MET A 51 -8.81 7.33 -1.69
N LEU A 52 -8.55 6.16 -2.27
CA LEU A 52 -7.52 5.98 -3.27
C LEU A 52 -7.55 7.10 -4.29
N HIS A 53 -6.44 7.81 -4.42
CA HIS A 53 -6.28 8.83 -5.44
C HIS A 53 -5.07 8.50 -6.30
N LEU A 54 -4.77 9.37 -7.26
CA LEU A 54 -3.66 9.11 -8.18
C LEU A 54 -2.35 8.90 -7.43
N GLY A 55 -2.17 9.60 -6.30
CA GLY A 55 -1.00 9.37 -5.47
C GLY A 55 -0.78 7.90 -5.17
N HIS A 56 -1.82 7.21 -4.66
CA HIS A 56 -1.70 5.79 -4.38
C HIS A 56 -1.43 5.02 -5.66
N MET A 57 -2.13 5.38 -6.74
CA MET A 57 -2.02 4.56 -7.94
C MET A 57 -0.60 4.63 -8.50
N LYS A 58 -0.04 5.84 -8.62
CA LYS A 58 1.36 5.98 -8.99
C LYS A 58 2.26 5.16 -8.08
N GLN A 59 1.99 5.18 -6.78
CA GLN A 59 2.83 4.41 -5.86
C GLN A 59 2.72 2.92 -6.10
N LEU A 60 1.52 2.43 -6.47
CA LEU A 60 1.37 1.00 -6.79
C LEU A 60 2.01 0.65 -8.13
N GLU A 61 1.82 1.48 -9.15
CA GLU A 61 2.55 1.29 -10.39
C GLU A 61 4.04 1.11 -10.11
N GLN A 62 4.60 1.97 -9.27
CA GLN A 62 6.03 1.90 -8.98
C GLN A 62 6.40 0.56 -8.35
N ALA A 63 5.75 0.22 -7.23
CA ALA A 63 5.94 -1.12 -6.65
C ALA A 63 5.91 -2.17 -7.76
N LYS A 64 4.83 -2.17 -8.55
CA LYS A 64 4.65 -3.21 -9.56
C LYS A 64 5.84 -3.29 -10.53
N LYS A 65 6.48 -2.17 -10.84
CA LYS A 65 7.52 -2.14 -11.87
C LYS A 65 8.94 -2.06 -11.28
N LEU A 66 9.10 -2.35 -9.99
CA LEU A 66 10.43 -2.45 -9.42
C LEU A 66 11.30 -3.40 -10.21
N PHE A 67 10.78 -4.58 -10.58
CA PHE A 67 11.50 -5.58 -11.35
C PHE A 67 10.70 -5.98 -12.58
N GLU A 68 11.34 -6.75 -13.48
CA GLU A 68 10.70 -7.09 -14.76
C GLU A 68 9.51 -8.00 -14.56
N ASN A 69 9.67 -9.04 -13.74
CA ASN A 69 8.60 -9.98 -13.44
C ASN A 69 8.22 -9.82 -11.98
N THR A 70 6.99 -9.38 -11.73
CA THR A 70 6.55 -9.21 -10.35
C THR A 70 5.15 -9.76 -10.13
N THR A 71 4.86 -10.09 -8.86
CA THR A 71 3.51 -10.20 -8.32
C THR A 71 3.39 -9.17 -7.22
N LEU A 72 2.61 -8.13 -7.45
CA LEU A 72 2.40 -7.11 -6.42
C LEU A 72 1.26 -7.58 -5.52
N ILE A 73 1.59 -7.87 -4.27
CA ILE A 73 0.59 -8.13 -3.24
C ILE A 73 0.39 -6.84 -2.46
N VAL A 74 -0.86 -6.44 -2.29
CA VAL A 74 -1.22 -5.26 -1.51
C VAL A 74 -1.96 -5.71 -0.25
N GLY A 75 -1.63 -5.09 0.86
CA GLY A 75 -2.25 -5.39 2.14
C GLY A 75 -2.97 -4.15 2.63
N VAL A 76 -4.18 -4.35 3.16
CA VAL A 76 -5.10 -3.27 3.48
C VAL A 76 -5.42 -3.38 4.96
N THR A 77 -5.16 -2.32 5.71
CA THR A 77 -5.34 -2.33 7.16
C THR A 77 -6.81 -2.50 7.52
N SER A 78 -7.05 -3.21 8.63
CA SER A 78 -8.40 -3.32 9.13
C SER A 78 -8.91 -1.94 9.55
N ASP A 79 -10.24 -1.79 9.61
CA ASP A 79 -10.80 -0.55 10.12
C ASP A 79 -10.45 -0.38 11.58
N ASN A 80 -10.60 -1.44 12.37
CA ASN A 80 -10.27 -1.37 13.78
C ASN A 80 -8.85 -0.83 13.98
N GLU A 81 -7.88 -1.46 13.35
CA GLU A 81 -6.49 -1.05 13.59
C GLU A 81 -6.25 0.35 13.08
N THR A 82 -6.68 0.65 11.87
CA THR A 82 -6.53 2.02 11.39
C THR A 82 -7.09 3.00 12.40
N LYS A 83 -8.38 2.87 12.72
CA LYS A 83 -8.99 3.82 13.65
C LYS A 83 -8.19 3.94 14.94
N LEU A 84 -7.63 2.84 15.44
CA LEU A 84 -6.99 2.86 16.75
C LEU A 84 -5.53 3.27 16.72
N PHE A 85 -4.84 3.06 15.61
CA PHE A 85 -3.46 3.49 15.42
C PHE A 85 -3.33 4.72 14.54
N LYS A 86 -4.11 4.81 13.46
CA LYS A 86 -4.20 6.00 12.64
C LYS A 86 -5.40 6.84 13.08
N GLY A 87 -5.39 8.11 12.69
CA GLY A 87 -6.43 9.02 13.10
C GLY A 87 -7.83 8.47 12.97
N GLN A 88 -8.23 8.12 11.75
CA GLN A 88 -9.57 7.61 11.50
C GLN A 88 -9.50 6.73 10.26
N VAL A 89 -10.65 6.54 9.61
CA VAL A 89 -10.74 5.89 8.29
C VAL A 89 -12.08 6.29 7.69
N VAL A 90 -12.05 6.85 6.48
CA VAL A 90 -13.28 7.28 5.84
C VAL A 90 -14.02 6.10 5.25
N GLN A 91 -13.31 5.27 4.51
CA GLN A 91 -13.88 4.12 3.82
C GLN A 91 -13.64 2.85 4.64
N THR A 92 -14.68 2.00 4.68
CA THR A 92 -14.55 0.69 5.32
C THR A 92 -13.48 -0.15 4.62
N LEU A 93 -13.10 -1.25 5.26
CA LEU A 93 -12.17 -2.18 4.63
C LEU A 93 -12.68 -2.62 3.26
N GLU A 94 -13.95 -3.02 3.19
CA GLU A 94 -14.50 -3.56 1.95
C GLU A 94 -14.53 -2.50 0.85
N GLU A 95 -14.83 -1.25 1.19
CA GLU A 95 -14.78 -0.18 0.21
C GLU A 95 -13.35 0.07 -0.27
N ARG A 96 -12.39 0.11 0.66
CA ARG A 96 -11.00 0.35 0.25
C ARG A 96 -10.45 -0.83 -0.54
N THR A 97 -10.88 -2.04 -0.21
CA THR A 97 -10.37 -3.21 -0.92
C THR A 97 -10.98 -3.32 -2.31
N GLU A 98 -12.31 -3.17 -2.40
CA GLU A 98 -12.95 -3.23 -3.70
C GLU A 98 -12.35 -2.22 -4.68
N THR A 99 -12.03 -1.02 -4.20
CA THR A 99 -11.40 -0.02 -5.05
C THR A 99 -10.04 -0.51 -5.56
N LEU A 100 -9.23 -1.10 -4.69
CA LEU A 100 -7.92 -1.59 -5.10
C LEU A 100 -8.04 -2.73 -6.12
N LYS A 101 -9.12 -3.51 -6.04
CA LYS A 101 -9.38 -4.56 -7.02
C LYS A 101 -9.28 -4.02 -8.44
N HIS A 102 -9.73 -2.78 -8.65
CA HIS A 102 -9.82 -2.18 -9.97
C HIS A 102 -8.50 -1.61 -10.48
N ILE A 103 -7.44 -1.60 -9.66
CA ILE A 103 -6.17 -0.98 -10.06
C ILE A 103 -5.33 -2.00 -10.82
N ARG A 104 -4.84 -1.59 -12.01
CA ARG A 104 -4.11 -2.48 -12.90
C ARG A 104 -2.88 -3.09 -12.24
N TRP A 105 -2.20 -2.35 -11.39
CA TRP A 105 -0.93 -2.82 -10.83
C TRP A 105 -1.11 -3.85 -9.72
N VAL A 106 -2.33 -4.03 -9.23
CA VAL A 106 -2.59 -4.90 -8.10
C VAL A 106 -2.79 -6.32 -8.62
N ASP A 107 -1.93 -7.24 -8.21
CA ASP A 107 -2.12 -8.62 -8.59
C ASP A 107 -2.86 -9.40 -7.52
N GLU A 108 -2.62 -9.11 -6.24
CA GLU A 108 -3.24 -9.87 -5.15
C GLU A 108 -3.47 -8.92 -3.98
N ILE A 109 -4.56 -9.16 -3.24
CA ILE A 109 -4.89 -8.37 -2.06
C ILE A 109 -4.95 -9.27 -0.84
N ILE A 110 -4.36 -8.81 0.24
CA ILE A 110 -4.48 -9.40 1.57
C ILE A 110 -5.27 -8.40 2.39
N SER A 111 -6.54 -8.74 2.70
CA SER A 111 -7.52 -7.83 3.28
C SER A 111 -8.40 -8.51 4.31
N PRO A 112 -8.21 -8.21 5.59
CA PRO A 112 -7.26 -7.19 6.08
C PRO A 112 -5.86 -7.76 6.23
N CYS A 113 -4.87 -6.88 6.20
CA CYS A 113 -3.49 -7.24 6.46
C CYS A 113 -3.15 -6.91 7.89
N PRO A 114 -2.04 -7.43 8.40
CA PRO A 114 -1.60 -7.02 9.73
C PRO A 114 -1.08 -5.60 9.71
N TRP A 115 -1.10 -4.98 10.90
CA TRP A 115 -0.58 -3.64 11.00
C TRP A 115 0.93 -3.62 10.79
N VAL A 116 1.65 -4.54 11.42
CA VAL A 116 3.11 -4.60 11.32
C VAL A 116 3.50 -5.85 10.57
N VAL A 117 4.19 -5.67 9.44
CA VAL A 117 4.83 -6.77 8.75
C VAL A 117 5.88 -7.42 9.65
N THR A 118 5.90 -8.76 9.67
CA THR A 118 6.83 -9.58 10.46
C THR A 118 7.68 -10.48 9.57
N PRO A 119 8.80 -10.99 10.08
CA PRO A 119 9.51 -12.05 9.33
C PRO A 119 8.59 -13.19 8.95
N GLU A 120 7.79 -13.69 9.90
CA GLU A 120 6.93 -14.84 9.63
C GLU A 120 5.90 -14.54 8.55
N PHE A 121 5.42 -13.30 8.51
CA PHE A 121 4.51 -12.90 7.45
C PHE A 121 5.17 -12.99 6.07
N LEU A 122 6.44 -12.58 5.98
CA LEU A 122 7.20 -12.70 4.73
C LEU A 122 7.29 -14.15 4.26
N GLU A 123 7.69 -15.06 5.16
CA GLU A 123 7.77 -16.47 4.83
C GLU A 123 6.39 -17.00 4.40
N LYS A 124 5.39 -16.85 5.27
CA LYS A 124 4.04 -17.33 5.00
C LYS A 124 3.63 -17.04 3.56
N TYR A 125 3.90 -15.81 3.09
CA TYR A 125 3.45 -15.34 1.78
C TYR A 125 4.57 -15.30 0.73
N LYS A 126 5.75 -15.86 1.03
CA LYS A 126 6.87 -15.86 0.11
C LYS A 126 7.08 -14.49 -0.52
N ILE A 127 7.05 -13.45 0.31
CA ILE A 127 7.30 -12.08 -0.15
C ILE A 127 8.80 -11.84 -0.25
N ASP A 128 9.22 -11.27 -1.37
CA ASP A 128 10.65 -11.00 -1.56
C ASP A 128 11.03 -9.61 -1.08
N TYR A 129 10.15 -8.62 -1.29
CA TYR A 129 10.40 -7.25 -0.92
C TYR A 129 9.13 -6.62 -0.36
N VAL A 130 9.31 -5.67 0.55
CA VAL A 130 8.23 -4.81 1.02
C VAL A 130 8.41 -3.46 0.35
N ALA A 131 7.36 -2.98 -0.32
CA ALA A 131 7.37 -1.72 -1.05
C ALA A 131 6.48 -0.74 -0.28
N HIS A 132 7.10 0.35 0.18
CA HIS A 132 6.43 1.35 0.99
C HIS A 132 7.25 2.63 0.88
N ASP A 133 6.59 3.75 1.12
CA ASP A 133 7.32 5.00 1.19
C ASP A 133 8.10 5.07 2.50
N ASP A 134 9.12 5.92 2.54
CA ASP A 134 10.00 6.07 3.71
C ASP A 134 10.15 7.55 4.02
N ILE A 135 9.61 7.97 5.16
CA ILE A 135 9.64 9.39 5.51
C ILE A 135 10.79 9.69 6.48
N ASP A 144 13.46 3.71 13.09
CA ASP A 144 13.09 3.37 11.72
C ASP A 144 12.38 2.02 11.65
N ILE A 145 11.07 2.06 11.40
CA ILE A 145 10.26 0.85 11.41
C ILE A 145 10.71 -0.14 10.34
N TYR A 146 11.37 0.34 9.29
CA TYR A 146 11.79 -0.47 8.16
C TYR A 146 13.28 -0.84 8.21
N ALA A 147 13.97 -0.49 9.29
CA ALA A 147 15.38 -0.83 9.45
C ALA A 147 15.62 -2.31 9.16
N TRP A 148 15.00 -3.19 9.96
CA TRP A 148 15.27 -4.61 9.81
C TRP A 148 14.99 -5.09 8.39
N LEU A 149 14.03 -4.47 7.69
CA LEU A 149 13.83 -4.81 6.28
C LEU A 149 15.02 -4.35 5.42
N LYS A 150 15.47 -3.11 5.63
CA LYS A 150 16.62 -2.63 4.86
C LYS A 150 17.86 -3.47 5.16
N ARG A 151 18.08 -3.85 6.42
CA ARG A 151 19.20 -4.72 6.75
C ARG A 151 19.16 -6.00 5.92
N ALA A 152 17.95 -6.51 5.65
CA ALA A 152 17.77 -7.75 4.91
C ALA A 152 17.82 -7.57 3.40
N GLY A 153 17.83 -6.33 2.91
CA GLY A 153 17.75 -6.09 1.49
C GLY A 153 16.37 -6.24 0.92
N LYS A 154 15.35 -6.29 1.79
CA LYS A 154 14.00 -6.57 1.34
C LYS A 154 13.10 -5.35 1.43
N PHE A 155 13.68 -4.15 1.44
CA PHE A 155 12.90 -2.92 1.47
C PHE A 155 13.15 -2.14 0.19
N LYS A 156 12.12 -1.99 -0.63
CA LYS A 156 12.13 -1.12 -1.80
C LYS A 156 11.29 0.10 -1.50
N ALA A 157 11.89 1.28 -1.60
CA ALA A 157 11.19 2.52 -1.29
C ALA A 157 10.37 3.01 -2.48
N THR A 158 9.25 3.67 -2.16
CA THR A 158 8.31 4.16 -3.16
C THR A 158 7.85 5.55 -2.73
N GLN A 159 7.56 6.40 -3.70
CA GLN A 159 7.41 7.82 -3.43
C GLN A 159 6.00 8.32 -3.68
N ARG A 160 5.61 9.31 -2.88
CA ARG A 160 4.35 10.03 -3.06
C ARG A 160 4.49 11.08 -4.17
N THR A 161 3.36 11.65 -4.56
CA THR A 161 3.35 12.73 -5.54
C THR A 161 2.41 13.84 -5.09
N GLY A 163 -0.58 16.72 -4.10
CA GLY A 163 -1.31 17.54 -5.06
C GLY A 163 -2.24 16.76 -5.98
N VAL A 164 -2.55 15.52 -5.61
CA VAL A 164 -3.37 14.63 -6.43
C VAL A 164 -4.55 14.05 -5.66
N SER A 165 -4.77 14.50 -4.42
CA SER A 165 -5.75 13.90 -3.53
C SER A 165 -7.15 14.48 -3.73
N THR A 166 -8.15 13.67 -3.37
CA THR A 166 -9.54 14.15 -3.34
C THR A 166 -9.62 15.49 -2.63
N THR A 167 -9.02 15.59 -1.44
CA THR A 167 -9.02 16.86 -0.72
C THR A 167 -8.66 18.00 -1.66
N ASP A 168 -7.57 17.82 -2.42
CA ASP A 168 -7.20 18.81 -3.42
C ASP A 168 -8.36 19.14 -4.34
N LEU A 169 -8.97 18.09 -4.92
CA LEU A 169 -10.00 18.30 -5.94
C LEU A 169 -11.12 19.21 -5.42
N ILE A 170 -11.53 19.04 -4.17
CA ILE A 170 -12.62 19.84 -3.64
C ILE A 170 -12.24 21.31 -3.62
N VAL A 171 -11.04 21.62 -3.13
CA VAL A 171 -10.53 22.99 -3.15
C VAL A 171 -10.80 23.56 -4.54
N ARG A 172 -10.45 22.78 -5.57
CA ARG A 172 -10.73 23.21 -6.93
C ARG A 172 -12.21 23.50 -7.12
N ILE A 173 -13.07 22.67 -6.56
CA ILE A 173 -14.51 22.83 -6.79
C ILE A 173 -15.02 24.03 -6.01
N LEU A 174 -14.75 24.08 -4.70
CA LEU A 174 -15.29 25.16 -3.88
C LEU A 174 -14.71 26.53 -4.22
N LYS A 175 -14.00 26.71 -5.35
CA LYS A 175 -13.69 28.03 -5.88
C LYS A 175 -14.96 28.64 -6.47
N ASN A 176 -16.08 28.45 -5.78
CA ASN A 176 -17.43 28.80 -6.25
C ASN A 176 -17.97 29.98 -5.45
C4 T5Y B . 0.59 2.12 6.30
N T5Y B . 0.77 0.80 6.14
C T5Y B . 0.56 0.06 7.30
O T5Y B . 0.75 -1.35 7.20
C1 T5Y B . 0.18 0.57 8.53
C2 T5Y B . 0.00 1.92 8.61
C3 T5Y B . 0.20 2.73 7.50
H4 T5Y B . 0.77 2.68 5.39
H T5Y B . -0.07 -1.74 7.48
H1 T5Y B . 0.05 -0.12 9.34
H2 T5Y B . -0.31 2.38 9.57
H3 T5Y B . 0.06 3.82 7.53
#